data_7S8F
#
_entry.id   7S8F
#
_cell.length_a   65.571
_cell.length_b   65.571
_cell.length_c   238.229
_cell.angle_alpha   90.000
_cell.angle_beta   90.000
_cell.angle_gamma   90.000
#
_symmetry.space_group_name_H-M   'P 41 21 2'
#
loop_
_entity.id
_entity.type
_entity.pdbx_description
1 polymer 'HLA class I histocompatibility antigen, B-7 alpha chain'
2 polymer Beta-2-microglobulin
3 polymer 'MLL cleavage product N320 peptide'
4 non-polymer GLYCEROL
5 water water
#
loop_
_entity_poly.entity_id
_entity_poly.type
_entity_poly.pdbx_seq_one_letter_code
_entity_poly.pdbx_strand_id
1 'polypeptide(L)'
;GSHSMRYFYTSVSRPGRGEPRFISVGYVDDTQFVRFDSDAASPREEPRAPWIEQEGPEYWDRNTQIYKAQAQTDRESLRN
LRGYYNQSEAGSHTLQSMYGCDVGPDGRLLRGHDQYAYDGKDYIALNEDLRSWTAADTAAQITQRKWEAAREAEQRRAYL
EGECVEWLRRYLENGKDKLERADPPKTHVTHHPISDHEATLRCWALGFYPAEITLTWQRDGEDQTQDTELVETRPAGDRT
FQKWAAVVVPSGEEQRYTCHVQHEGLPKPLTLRWE
;
A
2 'polypeptide(L)'
;MIQRTPKIQVYSRHPAENGKSNFLNCYVSGFHPSDIEVDLLKNGERIEKVEHSDLSFSKDWSFYLLYYTEFTPTEKDEYA
CRVNHVTLSQPKIVKWDRDM
;
B
3 'polypeptide(L)' EPRSPSHSM C
#
# COMPACT_ATOMS: atom_id res chain seq x y z
N GLY A 1 -21.73 -1.35 4.99
CA GLY A 1 -20.79 -0.24 5.33
C GLY A 1 -20.49 0.60 4.09
N SER A 2 -19.80 1.72 4.27
CA SER A 2 -19.20 2.53 3.17
C SER A 2 -18.00 1.76 2.60
N HIS A 3 -17.78 1.77 1.28
CA HIS A 3 -16.66 1.03 0.69
C HIS A 3 -16.03 1.81 -0.46
N SER A 4 -14.85 1.38 -0.89
N SER A 4 -14.84 1.40 -0.87
CA SER A 4 -14.06 2.01 -1.96
CA SER A 4 -14.03 2.04 -1.93
C SER A 4 -13.52 0.93 -2.88
C SER A 4 -13.46 0.97 -2.86
N MET A 5 -13.36 1.27 -4.16
CA MET A 5 -12.54 0.44 -5.07
C MET A 5 -11.49 1.38 -5.66
N ARG A 6 -10.25 0.88 -5.80
CA ARG A 6 -9.17 1.71 -6.38
C ARG A 6 -8.29 0.84 -7.26
N TYR A 7 -7.89 1.39 -8.41
CA TYR A 7 -6.83 0.85 -9.26
C TYR A 7 -5.64 1.80 -9.17
N PHE A 8 -4.45 1.24 -9.04
CA PHE A 8 -3.17 1.96 -8.94
C PHE A 8 -2.29 1.47 -10.06
N TYR A 9 -1.94 2.35 -11.00
CA TYR A 9 -1.00 1.99 -12.08
C TYR A 9 0.32 2.69 -11.86
N THR A 10 1.41 1.99 -12.14
CA THR A 10 2.75 2.59 -12.15
C THR A 10 3.42 2.21 -13.46
N SER A 11 3.83 3.21 -14.25
CA SER A 11 4.65 3.01 -15.46
C SER A 11 6.00 3.65 -15.23
N VAL A 12 7.08 2.93 -15.54
CA VAL A 12 8.45 3.46 -15.33
C VAL A 12 9.23 3.27 -16.61
N SER A 13 9.68 4.37 -17.20
CA SER A 13 10.46 4.33 -18.46
C SER A 13 11.88 3.82 -18.13
N ARG A 14 12.51 3.22 -19.12
CA ARG A 14 13.88 2.67 -19.04
C ARG A 14 14.48 2.77 -20.43
N PRO A 15 14.69 4.00 -20.93
CA PRO A 15 15.14 4.20 -22.31
C PRO A 15 16.46 3.46 -22.57
N GLY A 16 16.49 2.75 -23.69
CA GLY A 16 17.63 1.89 -24.07
C GLY A 16 17.43 0.45 -23.64
N ARG A 17 16.47 0.17 -22.75
N ARG A 17 16.45 0.16 -22.77
CA ARG A 17 16.23 -1.18 -22.19
CA ARG A 17 16.23 -1.20 -22.23
C ARG A 17 14.85 -1.71 -22.59
C ARG A 17 14.83 -1.71 -22.58
N GLY A 18 14.14 -1.02 -23.48
CA GLY A 18 12.84 -1.46 -24.00
C GLY A 18 11.70 -0.62 -23.48
N GLU A 19 10.48 -1.10 -23.65
CA GLU A 19 9.25 -0.36 -23.33
C GLU A 19 9.10 -0.24 -21.81
N PRO A 20 8.43 0.82 -21.33
CA PRO A 20 8.28 1.01 -19.88
C PRO A 20 7.67 -0.22 -19.23
N ARG A 21 8.06 -0.48 -18.00
CA ARG A 21 7.37 -1.49 -17.17
C ARG A 21 6.04 -0.88 -16.69
N PHE A 22 4.94 -1.60 -16.88
CA PHE A 22 3.60 -1.24 -16.38
C PHE A 22 3.17 -2.27 -15.34
N ILE A 23 2.80 -1.78 -14.16
CA ILE A 23 2.23 -2.60 -13.04
C ILE A 23 0.91 -1.99 -12.61
N SER A 24 -0.12 -2.82 -12.47
CA SER A 24 -1.43 -2.41 -11.93
CA SER A 24 -1.42 -2.40 -11.93
C SER A 24 -1.75 -3.29 -10.73
N VAL A 25 -2.37 -2.69 -9.73
CA VAL A 25 -2.98 -3.43 -8.61
C VAL A 25 -4.37 -2.85 -8.43
N GLY A 26 -5.29 -3.70 -8.00
CA GLY A 26 -6.66 -3.31 -7.65
C GLY A 26 -6.95 -3.61 -6.20
N TYR A 27 -7.65 -2.70 -5.53
CA TYR A 27 -8.08 -2.85 -4.12
C TYR A 27 -9.57 -2.65 -3.98
N VAL A 28 -10.15 -3.33 -3.01
CA VAL A 28 -11.47 -3.06 -2.49
C VAL A 28 -11.11 -2.73 -1.02
N ASP A 29 -11.41 -1.53 -0.60
CA ASP A 29 -11.05 -1.11 0.74
C ASP A 29 -9.55 -1.35 0.91
N ASP A 30 -9.15 -2.10 1.92
CA ASP A 30 -7.71 -2.39 2.15
C ASP A 30 -7.25 -3.75 1.67
N THR A 31 -8.08 -4.40 0.88
CA THR A 31 -7.81 -5.75 0.34
C THR A 31 -7.38 -5.66 -1.13
N GLN A 32 -6.15 -6.02 -1.43
CA GLN A 32 -5.69 -6.16 -2.83
C GLN A 32 -6.37 -7.39 -3.44
N PHE A 33 -6.93 -7.25 -4.65
CA PHE A 33 -7.65 -8.40 -5.25
C PHE A 33 -7.14 -8.75 -6.66
N VAL A 34 -6.40 -7.87 -7.35
CA VAL A 34 -5.89 -8.21 -8.69
C VAL A 34 -4.53 -7.55 -8.87
N ARG A 35 -3.75 -8.08 -9.79
CA ARG A 35 -2.47 -7.46 -10.24
C ARG A 35 -2.26 -7.76 -11.72
N PHE A 36 -1.44 -6.93 -12.34
CA PHE A 36 -0.93 -7.14 -13.70
C PHE A 36 0.50 -6.58 -13.71
N ASP A 37 1.41 -7.32 -14.33
CA ASP A 37 2.81 -6.88 -14.53
C ASP A 37 3.21 -7.16 -15.98
N SER A 38 3.55 -6.09 -16.72
CA SER A 38 3.93 -6.13 -18.15
C SER A 38 5.20 -6.95 -18.35
N ASP A 39 6.00 -7.12 -17.30
CA ASP A 39 7.28 -7.86 -17.40
C ASP A 39 7.11 -9.35 -17.04
N ALA A 40 5.92 -9.80 -16.64
CA ALA A 40 5.64 -11.23 -16.39
C ALA A 40 5.85 -12.04 -17.69
N ALA A 41 6.19 -13.32 -17.55
CA ALA A 41 6.45 -14.21 -18.70
C ALA A 41 5.30 -14.14 -19.68
N SER A 42 4.08 -14.27 -19.17
CA SER A 42 2.87 -14.15 -20.00
C SER A 42 1.94 -13.18 -19.28
N PRO A 43 2.07 -11.86 -19.50
CA PRO A 43 1.31 -10.92 -18.71
C PRO A 43 -0.21 -11.10 -18.80
N ARG A 44 -0.83 -11.16 -17.63
CA ARG A 44 -2.30 -11.24 -17.56
C ARG A 44 -2.74 -10.79 -16.17
N GLU A 45 -3.99 -10.37 -16.06
CA GLU A 45 -4.54 -10.01 -14.75
C GLU A 45 -4.56 -11.31 -13.94
N GLU A 46 -4.16 -11.23 -12.69
CA GLU A 46 -4.12 -12.40 -11.78
C GLU A 46 -4.87 -12.09 -10.50
N PRO A 47 -5.50 -13.11 -9.88
CA PRO A 47 -6.22 -12.93 -8.62
C PRO A 47 -5.25 -12.77 -7.45
N ARG A 48 -5.61 -11.98 -6.45
CA ARG A 48 -4.80 -11.76 -5.22
C ARG A 48 -5.68 -11.83 -3.97
N ALA A 49 -6.97 -12.13 -4.13
CA ALA A 49 -7.91 -12.43 -3.03
C ALA A 49 -8.80 -13.58 -3.47
N PRO A 50 -9.20 -14.47 -2.54
CA PRO A 50 -9.94 -15.68 -2.91
C PRO A 50 -11.30 -15.40 -3.55
N TRP A 51 -12.00 -14.34 -3.13
CA TRP A 51 -13.40 -14.10 -3.54
C TRP A 51 -13.46 -13.63 -5.00
N ILE A 52 -12.35 -13.21 -5.61
CA ILE A 52 -12.39 -12.75 -7.02
C ILE A 52 -12.21 -13.96 -7.95
N GLU A 53 -11.72 -15.09 -7.43
CA GLU A 53 -11.34 -16.27 -8.28
C GLU A 53 -12.57 -16.82 -9.01
N GLN A 54 -13.76 -16.55 -8.49
CA GLN A 54 -15.03 -17.09 -9.05
C GLN A 54 -15.42 -16.34 -10.33
N GLU A 55 -14.80 -15.19 -10.63
CA GLU A 55 -15.09 -14.44 -11.89
C GLU A 55 -14.64 -15.32 -13.07
N GLY A 56 -15.46 -15.36 -14.13
CA GLY A 56 -15.26 -16.29 -15.26
C GLY A 56 -14.13 -15.86 -16.19
N PRO A 57 -13.71 -16.73 -17.13
CA PRO A 57 -12.60 -16.42 -18.05
C PRO A 57 -12.75 -15.13 -18.88
N GLU A 58 -13.98 -14.70 -19.18
CA GLU A 58 -14.27 -13.47 -19.98
C GLU A 58 -13.79 -12.25 -19.19
N TYR A 59 -13.96 -12.27 -17.87
CA TYR A 59 -13.49 -11.21 -16.94
C TYR A 59 -11.98 -11.04 -17.10
N TRP A 60 -11.23 -12.13 -16.88
CA TRP A 60 -9.75 -12.16 -16.88
C TRP A 60 -9.24 -11.78 -18.28
N ASP A 61 -9.93 -12.21 -19.33
CA ASP A 61 -9.50 -11.93 -20.72
CA ASP A 61 -9.52 -11.94 -20.74
C ASP A 61 -9.69 -10.44 -21.05
N ARG A 62 -10.86 -9.88 -20.75
CA ARG A 62 -11.18 -8.45 -20.99
C ARG A 62 -10.14 -7.60 -20.25
N ASN A 63 -9.88 -7.94 -18.98
CA ASN A 63 -9.08 -7.04 -18.10
C ASN A 63 -7.63 -7.08 -18.58
N THR A 64 -7.14 -8.26 -18.91
CA THR A 64 -5.78 -8.46 -19.45
C THR A 64 -5.56 -7.58 -20.70
N GLN A 65 -6.52 -7.60 -21.64
CA GLN A 65 -6.41 -6.78 -22.89
C GLN A 65 -6.41 -5.29 -22.51
N ILE A 66 -7.19 -4.90 -21.52
CA ILE A 66 -7.25 -3.49 -21.06
C ILE A 66 -5.86 -3.08 -20.53
N TYR A 67 -5.24 -3.85 -19.65
CA TYR A 67 -3.91 -3.49 -19.09
C TYR A 67 -2.86 -3.40 -20.22
N LYS A 68 -2.88 -4.34 -21.17
CA LYS A 68 -1.91 -4.36 -22.29
C LYS A 68 -2.06 -3.05 -23.07
N ALA A 69 -3.30 -2.63 -23.34
CA ALA A 69 -3.57 -1.38 -24.09
C ALA A 69 -3.14 -0.18 -23.24
N GLN A 70 -3.41 -0.21 -21.94
CA GLN A 70 -3.08 0.93 -21.05
C GLN A 70 -1.56 1.05 -20.95
N ALA A 71 -0.83 -0.06 -20.94
CA ALA A 71 0.66 -0.02 -20.90
C ALA A 71 1.17 0.74 -22.13
N GLN A 72 0.60 0.47 -23.32
CA GLN A 72 1.01 1.16 -24.58
C GLN A 72 0.62 2.64 -24.48
N THR A 73 -0.57 2.95 -23.93
CA THR A 73 -1.02 4.35 -23.74
C THR A 73 -0.08 5.09 -22.79
N ASP A 74 0.29 4.46 -21.67
CA ASP A 74 1.20 5.12 -20.68
C ASP A 74 2.57 5.33 -21.33
N ARG A 75 3.00 4.42 -22.21
CA ARG A 75 4.28 4.56 -22.93
C ARG A 75 4.23 5.85 -23.78
N GLU A 76 3.13 6.05 -24.49
CA GLU A 76 2.91 7.28 -25.29
C GLU A 76 2.88 8.52 -24.38
N SER A 77 2.19 8.44 -23.25
CA SER A 77 2.10 9.56 -22.27
C SER A 77 3.49 9.93 -21.75
N LEU A 78 4.29 8.93 -21.39
CA LEU A 78 5.68 9.17 -20.91
C LEU A 78 6.51 9.88 -21.99
N ARG A 79 6.36 9.48 -23.24
CA ARG A 79 7.07 10.15 -24.36
C ARG A 79 6.60 11.60 -24.50
N ASN A 80 5.30 11.85 -24.41
CA ASN A 80 4.72 13.20 -24.56
C ASN A 80 5.17 14.07 -23.38
N LEU A 81 5.14 13.55 -22.14
N LEU A 81 5.13 13.52 -22.18
CA LEU A 81 5.50 14.33 -20.93
CA LEU A 81 5.52 14.20 -20.92
C LEU A 81 6.98 14.74 -20.97
C LEU A 81 6.96 14.72 -20.99
N ARG A 82 7.90 13.84 -21.36
CA ARG A 82 9.32 14.27 -21.40
C ARG A 82 9.48 15.37 -22.45
N GLY A 83 8.70 15.32 -23.54
CA GLY A 83 8.64 16.39 -24.55
C GLY A 83 8.12 17.68 -23.95
N TYR A 84 6.99 17.63 -23.25
CA TYR A 84 6.37 18.83 -22.61
C TYR A 84 7.37 19.49 -21.65
N TYR A 85 8.15 18.70 -20.92
CA TYR A 85 9.07 19.24 -19.89
C TYR A 85 10.48 19.44 -20.47
N ASN A 86 10.69 19.18 -21.76
CA ASN A 86 12.01 19.30 -22.44
C ASN A 86 13.06 18.50 -21.65
N GLN A 87 12.73 17.26 -21.26
CA GLN A 87 13.67 16.43 -20.46
C GLN A 87 14.50 15.55 -21.41
N SER A 88 15.66 15.12 -20.94
CA SER A 88 16.54 14.16 -21.66
C SER A 88 15.76 12.88 -22.02
N GLU A 89 15.99 12.34 -23.22
CA GLU A 89 15.40 11.06 -23.67
C GLU A 89 16.13 9.86 -23.07
N ALA A 90 17.19 10.09 -22.30
CA ALA A 90 18.03 9.01 -21.72
C ALA A 90 17.48 8.57 -20.36
N GLY A 91 16.73 9.46 -19.67
CA GLY A 91 16.43 9.31 -18.24
C GLY A 91 15.18 8.46 -17.99
N SER A 92 15.09 7.86 -16.82
CA SER A 92 13.93 7.08 -16.36
C SER A 92 12.95 8.01 -15.63
N HIS A 93 11.67 7.92 -15.98
CA HIS A 93 10.59 8.75 -15.39
C HIS A 93 9.44 7.83 -14.97
N THR A 94 8.59 8.34 -14.09
CA THR A 94 7.46 7.59 -13.50
C THR A 94 6.15 8.29 -13.80
N LEU A 95 5.18 7.51 -14.28
CA LEU A 95 3.77 7.95 -14.43
C LEU A 95 2.92 7.04 -13.55
N GLN A 96 2.24 7.65 -12.58
CA GLN A 96 1.33 6.94 -11.67
C GLN A 96 -0.09 7.39 -11.95
N SER A 97 -1.02 6.45 -11.87
CA SER A 97 -2.46 6.67 -12.09
C SER A 97 -3.21 6.07 -10.90
N MET A 98 -4.22 6.77 -10.41
CA MET A 98 -5.02 6.31 -9.25
CA MET A 98 -5.05 6.25 -9.29
C MET A 98 -6.47 6.67 -9.58
N TYR A 99 -7.37 5.71 -9.58
CA TYR A 99 -8.80 6.01 -9.88
C TYR A 99 -9.69 5.00 -9.17
N GLY A 100 -10.96 5.37 -9.01
CA GLY A 100 -11.99 4.48 -8.46
C GLY A 100 -13.08 5.26 -7.76
N CYS A 101 -13.87 4.56 -6.96
CA CYS A 101 -15.15 5.09 -6.47
C CYS A 101 -15.28 4.80 -4.98
N ASP A 102 -15.94 5.72 -4.30
CA ASP A 102 -16.36 5.58 -2.90
C ASP A 102 -17.87 5.43 -2.93
N VAL A 103 -18.42 4.43 -2.23
CA VAL A 103 -19.89 4.20 -2.19
C VAL A 103 -20.35 4.14 -0.73
N GLY A 104 -21.61 4.51 -0.51
CA GLY A 104 -22.24 4.45 0.82
C GLY A 104 -22.78 3.04 1.07
N PRO A 105 -23.41 2.84 2.26
CA PRO A 105 -24.03 1.55 2.59
C PRO A 105 -25.06 1.06 1.56
N ASP A 106 -25.78 1.97 0.89
CA ASP A 106 -26.80 1.60 -0.12
C ASP A 106 -26.14 1.33 -1.47
N GLY A 107 -24.81 1.55 -1.60
CA GLY A 107 -24.06 1.26 -2.83
C GLY A 107 -24.10 2.41 -3.83
N ARG A 108 -24.66 3.57 -3.46
CA ARG A 108 -24.67 4.79 -4.30
C ARG A 108 -23.28 5.46 -4.31
N LEU A 109 -22.92 6.09 -5.43
CA LEU A 109 -21.61 6.78 -5.57
C LEU A 109 -21.58 7.98 -4.62
N LEU A 110 -20.56 8.06 -3.76
CA LEU A 110 -20.35 9.25 -2.91
C LEU A 110 -19.33 10.13 -3.62
N ARG A 111 -18.30 9.51 -4.20
CA ARG A 111 -17.19 10.30 -4.80
C ARG A 111 -16.45 9.46 -5.83
N GLY A 112 -16.10 10.09 -6.95
CA GLY A 112 -15.25 9.49 -7.99
C GLY A 112 -13.87 10.10 -7.94
N HIS A 113 -12.86 9.32 -8.34
CA HIS A 113 -11.43 9.75 -8.31
C HIS A 113 -10.76 9.34 -9.62
N ASP A 114 -9.96 10.22 -10.22
CA ASP A 114 -9.21 9.85 -11.44
C ASP A 114 -8.04 10.82 -11.58
N GLN A 115 -6.85 10.42 -11.14
CA GLN A 115 -5.75 11.42 -11.05
C GLN A 115 -4.38 10.79 -11.30
N TYR A 116 -3.42 11.65 -11.54
CA TYR A 116 -2.09 11.25 -12.08
C TYR A 116 -0.97 12.06 -11.44
N ALA A 117 0.19 11.41 -11.35
CA ALA A 117 1.43 12.04 -10.87
C ALA A 117 2.57 11.66 -11.80
N TYR A 118 3.41 12.63 -12.09
CA TYR A 118 4.59 12.45 -12.94
C TYR A 118 5.82 12.70 -12.08
N ASP A 119 6.72 11.71 -12.02
CA ASP A 119 7.91 11.75 -11.12
C ASP A 119 7.49 12.16 -9.71
N GLY A 120 6.39 11.61 -9.22
CA GLY A 120 5.96 11.75 -7.81
C GLY A 120 5.30 13.11 -7.53
N LYS A 121 5.04 13.93 -8.53
CA LYS A 121 4.30 15.22 -8.39
C LYS A 121 2.92 15.11 -9.04
N ASP A 122 1.89 15.61 -8.35
CA ASP A 122 0.54 15.77 -8.94
C ASP A 122 0.66 16.42 -10.31
N TYR A 123 0.01 15.84 -11.32
CA TYR A 123 0.08 16.33 -12.71
C TYR A 123 -1.31 16.82 -13.13
N ILE A 124 -2.29 15.92 -13.19
CA ILE A 124 -3.67 16.32 -13.57
C ILE A 124 -4.63 15.45 -12.76
N ALA A 125 -5.79 16.00 -12.44
CA ALA A 125 -6.81 15.27 -11.65
C ALA A 125 -8.19 15.65 -12.16
N LEU A 126 -9.06 14.66 -12.26
CA LEU A 126 -10.50 14.89 -12.50
C LEU A 126 -11.10 15.46 -11.23
N ASN A 127 -11.78 16.62 -11.33
CA ASN A 127 -12.42 17.25 -10.16
C ASN A 127 -13.57 16.38 -9.66
N GLU A 128 -13.98 16.63 -8.43
CA GLU A 128 -15.11 15.94 -7.78
C GLU A 128 -16.40 16.04 -8.62
N ASP A 129 -16.57 17.09 -9.45
CA ASP A 129 -17.76 17.24 -10.33
C ASP A 129 -17.74 16.19 -11.45
N LEU A 130 -16.63 15.45 -11.64
CA LEU A 130 -16.44 14.41 -12.66
C LEU A 130 -16.64 14.99 -14.06
N ARG A 131 -16.41 16.29 -14.22
CA ARG A 131 -16.71 17.01 -15.49
C ARG A 131 -15.54 17.91 -15.90
N SER A 132 -14.66 18.30 -14.97
CA SER A 132 -13.59 19.31 -15.19
C SER A 132 -12.27 18.81 -14.60
N TRP A 133 -11.17 19.40 -15.04
CA TRP A 133 -9.79 18.99 -14.66
C TRP A 133 -9.11 20.09 -13.85
N THR A 134 -8.21 19.70 -12.94
CA THR A 134 -7.21 20.60 -12.35
C THR A 134 -5.82 20.18 -12.87
N ALA A 135 -5.14 21.07 -13.59
CA ALA A 135 -3.80 20.84 -14.16
C ALA A 135 -2.78 21.53 -13.25
N ALA A 136 -1.65 20.89 -12.98
CA ALA A 136 -0.63 21.40 -12.04
C ALA A 136 0.19 22.51 -12.69
N ASP A 137 0.33 22.55 -14.01
CA ASP A 137 1.29 23.46 -14.67
C ASP A 137 0.96 23.53 -16.15
N THR A 138 1.74 24.28 -16.93
CA THR A 138 1.45 24.51 -18.38
C THR A 138 1.60 23.20 -19.17
N ALA A 139 2.48 22.29 -18.76
CA ALA A 139 2.56 20.95 -19.39
C ALA A 139 1.22 20.24 -19.21
N ALA A 140 0.72 20.15 -17.99
CA ALA A 140 -0.57 19.47 -17.69
C ALA A 140 -1.74 20.18 -18.40
N GLN A 141 -1.60 21.47 -18.73
CA GLN A 141 -2.66 22.19 -19.49
C GLN A 141 -2.69 21.70 -20.93
N ILE A 142 -1.57 21.22 -21.47
CA ILE A 142 -1.55 20.59 -22.80
C ILE A 142 -2.43 19.34 -22.73
N THR A 143 -2.21 18.52 -21.71
CA THR A 143 -3.01 17.29 -21.50
C THR A 143 -4.48 17.68 -21.31
N GLN A 144 -4.73 18.69 -20.50
CA GLN A 144 -6.12 19.14 -20.21
C GLN A 144 -6.86 19.49 -21.51
N ARG A 145 -6.25 20.31 -22.37
N ARG A 145 -6.25 20.30 -22.38
CA ARG A 145 -6.86 20.74 -23.66
CA ARG A 145 -6.91 20.72 -23.65
C ARG A 145 -7.12 19.52 -24.55
C ARG A 145 -7.12 19.51 -24.56
N LYS A 146 -6.14 18.61 -24.63
CA LYS A 146 -6.27 17.36 -25.39
C LYS A 146 -7.49 16.58 -24.86
N TRP A 147 -7.59 16.44 -23.55
CA TRP A 147 -8.65 15.63 -22.90
C TRP A 147 -10.01 16.34 -22.97
N GLU A 148 -10.03 17.66 -22.92
CA GLU A 148 -11.29 18.45 -23.10
C GLU A 148 -11.80 18.20 -24.52
N ALA A 149 -10.93 18.24 -25.53
CA ALA A 149 -11.31 18.07 -26.96
C ALA A 149 -11.80 16.65 -27.20
N ALA A 150 -11.23 15.67 -26.51
CA ALA A 150 -11.53 14.23 -26.68
C ALA A 150 -12.70 13.81 -25.78
N ARG A 151 -13.25 14.72 -24.97
CA ARG A 151 -14.37 14.42 -24.04
C ARG A 151 -13.98 13.25 -23.11
N GLU A 152 -12.74 13.28 -22.62
CA GLU A 152 -12.21 12.26 -21.69
C GLU A 152 -13.04 12.24 -20.40
N ALA A 153 -13.42 13.41 -19.87
CA ALA A 153 -14.10 13.48 -18.56
C ALA A 153 -15.39 12.67 -18.61
N GLU A 154 -16.12 12.75 -19.74
N GLU A 154 -16.10 12.69 -19.73
CA GLU A 154 -17.38 12.00 -19.98
CA GLU A 154 -17.40 11.98 -19.85
C GLU A 154 -17.13 10.50 -19.87
C GLU A 154 -17.17 10.47 -19.94
N GLN A 155 -16.06 10.03 -20.52
CA GLN A 155 -15.68 8.58 -20.56
CA GLN A 155 -15.67 8.59 -20.56
C GLN A 155 -15.28 8.13 -19.15
N ARG A 156 -14.56 8.98 -18.39
CA ARG A 156 -14.14 8.68 -17.00
C ARG A 156 -15.38 8.65 -16.09
N ARG A 157 -16.27 9.65 -16.20
CA ARG A 157 -17.52 9.78 -15.39
C ARG A 157 -18.39 8.55 -15.59
N ALA A 158 -18.54 8.08 -16.83
CA ALA A 158 -19.38 6.92 -17.20
C ALA A 158 -18.87 5.68 -16.45
N TYR A 159 -17.54 5.53 -16.40
CA TYR A 159 -16.88 4.41 -15.70
C TYR A 159 -17.19 4.54 -14.21
N LEU A 160 -16.91 5.70 -13.64
CA LEU A 160 -16.93 5.91 -12.17
C LEU A 160 -18.39 5.77 -11.66
N GLU A 161 -19.38 6.19 -12.44
CA GLU A 161 -20.81 6.13 -12.04
C GLU A 161 -21.43 4.77 -12.38
N GLY A 162 -20.83 4.03 -13.31
CA GLY A 162 -21.37 2.79 -13.90
C GLY A 162 -20.58 1.57 -13.44
N GLU A 163 -19.67 1.10 -14.28
CA GLU A 163 -18.86 -0.12 -14.04
C GLU A 163 -18.24 -0.07 -12.63
N CYS A 164 -17.70 1.06 -12.19
CA CYS A 164 -16.94 1.11 -10.91
C CYS A 164 -17.90 0.74 -9.75
N VAL A 165 -19.01 1.46 -9.68
CA VAL A 165 -20.07 1.27 -8.63
C VAL A 165 -20.61 -0.15 -8.76
N GLU A 166 -20.93 -0.60 -9.97
CA GLU A 166 -21.63 -1.90 -10.21
C GLU A 166 -20.69 -3.05 -9.87
N TRP A 167 -19.42 -2.99 -10.27
CA TRP A 167 -18.45 -4.07 -9.97
C TRP A 167 -18.07 -4.04 -8.48
N LEU A 168 -17.94 -2.88 -7.87
CA LEU A 168 -17.65 -2.83 -6.41
C LEU A 168 -18.80 -3.56 -5.68
N ARG A 169 -20.04 -3.31 -6.06
CA ARG A 169 -21.21 -3.97 -5.41
C ARG A 169 -21.08 -5.49 -5.58
N ARG A 170 -20.72 -5.94 -6.76
CA ARG A 170 -20.56 -7.34 -7.00
C ARG A 170 -19.45 -7.98 -6.15
N TYR A 171 -18.30 -7.33 -6.05
CA TYR A 171 -17.18 -7.85 -5.24
C TYR A 171 -17.62 -7.95 -3.77
N LEU A 172 -18.40 -7.00 -3.29
CA LEU A 172 -18.84 -6.96 -1.88
C LEU A 172 -19.79 -8.14 -1.64
N GLU A 173 -20.63 -8.47 -2.62
CA GLU A 173 -21.60 -9.61 -2.54
C GLU A 173 -20.81 -10.92 -2.56
N ASN A 174 -19.79 -11.02 -3.37
CA ASN A 174 -18.94 -12.20 -3.41
C ASN A 174 -17.94 -12.33 -2.26
N GLY A 175 -17.40 -11.20 -1.82
CA GLY A 175 -16.47 -11.10 -0.72
C GLY A 175 -17.14 -11.39 0.59
N LYS A 176 -18.37 -10.95 0.71
CA LYS A 176 -19.16 -11.24 1.87
C LYS A 176 -18.51 -10.80 3.16
N ASP A 177 -18.36 -11.72 4.09
CA ASP A 177 -17.79 -11.42 5.39
C ASP A 177 -16.35 -10.90 5.35
N LYS A 178 -15.52 -11.38 4.41
CA LYS A 178 -14.11 -10.92 4.25
C LYS A 178 -14.07 -9.40 4.06
N LEU A 179 -15.05 -8.81 3.37
CA LEU A 179 -15.01 -7.36 3.04
C LEU A 179 -15.97 -6.57 3.93
N GLU A 180 -17.07 -7.19 4.40
CA GLU A 180 -18.15 -6.44 5.08
C GLU A 180 -17.90 -6.36 6.60
N ARG A 181 -17.28 -7.37 7.18
CA ARG A 181 -17.15 -7.52 8.67
C ARG A 181 -15.69 -7.30 9.08
N ALA A 182 -15.45 -6.28 9.88
CA ALA A 182 -14.11 -5.95 10.41
C ALA A 182 -13.60 -7.08 11.30
N ASP A 183 -12.30 -7.32 11.26
N ASP A 183 -12.31 -7.41 11.18
CA ASP A 183 -11.57 -8.35 12.06
CA ASP A 183 -11.58 -8.35 12.06
C ASP A 183 -10.86 -7.62 13.19
C ASP A 183 -10.96 -7.51 13.16
N PRO A 184 -11.32 -7.74 14.45
CA PRO A 184 -10.77 -6.94 15.52
C PRO A 184 -9.33 -7.35 15.77
N PRO A 185 -8.53 -6.44 16.37
CA PRO A 185 -7.17 -6.80 16.77
C PRO A 185 -7.15 -7.81 17.92
N LYS A 186 -6.16 -8.69 17.87
CA LYS A 186 -5.68 -9.49 19.03
C LYS A 186 -4.69 -8.60 19.75
N THR A 187 -4.88 -8.32 21.03
CA THR A 187 -4.11 -7.29 21.75
C THR A 187 -3.40 -7.91 22.95
N HIS A 188 -2.25 -7.38 23.29
CA HIS A 188 -1.53 -7.74 24.53
C HIS A 188 -0.54 -6.64 24.85
N VAL A 189 -0.11 -6.59 26.10
CA VAL A 189 0.88 -5.59 26.61
C VAL A 189 2.11 -6.38 27.02
N THR A 190 3.28 -5.93 26.58
CA THR A 190 4.58 -6.50 26.98
C THR A 190 5.32 -5.43 27.80
N HIS A 191 6.23 -5.92 28.64
CA HIS A 191 7.04 -5.14 29.60
C HIS A 191 8.52 -5.48 29.40
N HIS A 192 9.33 -4.46 29.19
CA HIS A 192 10.76 -4.56 28.82
C HIS A 192 11.53 -3.62 29.75
N PRO A 193 12.11 -4.13 30.84
CA PRO A 193 12.96 -3.32 31.71
C PRO A 193 14.09 -2.72 30.87
N ILE A 194 14.37 -1.45 31.08
CA ILE A 194 15.54 -0.72 30.53
C ILE A 194 16.63 -0.71 31.59
N SER A 195 16.27 -0.40 32.83
CA SER A 195 17.19 -0.32 33.99
C SER A 195 16.41 -0.70 35.26
N ASP A 196 17.00 -0.50 36.43
CA ASP A 196 16.30 -0.71 37.72
C ASP A 196 15.23 0.35 37.90
N HIS A 197 15.30 1.44 37.12
CA HIS A 197 14.42 2.63 37.32
C HIS A 197 13.46 2.91 36.16
N GLU A 198 13.67 2.36 34.96
CA GLU A 198 12.81 2.60 33.78
C GLU A 198 12.42 1.28 33.12
N ALA A 199 11.19 1.20 32.63
CA ALA A 199 10.73 0.05 31.82
C ALA A 199 9.87 0.56 30.66
N THR A 200 9.86 -0.22 29.58
CA THR A 200 8.99 0.05 28.41
C THR A 200 7.71 -0.79 28.54
N LEU A 201 6.56 -0.15 28.43
CA LEU A 201 5.29 -0.87 28.21
C LEU A 201 4.95 -0.74 26.73
N ARG A 202 4.74 -1.88 26.07
CA ARG A 202 4.39 -1.91 24.63
C ARG A 202 3.01 -2.55 24.50
N CYS A 203 2.12 -1.84 23.83
CA CYS A 203 0.74 -2.26 23.55
C CYS A 203 0.65 -2.72 22.10
N TRP A 204 0.31 -3.98 21.88
CA TRP A 204 0.26 -4.63 20.56
C TRP A 204 -1.17 -4.79 20.09
N ALA A 205 -1.40 -4.46 18.82
CA ALA A 205 -2.62 -4.81 18.08
C ALA A 205 -2.19 -5.62 16.87
N LEU A 206 -2.64 -6.87 16.77
CA LEU A 206 -2.23 -7.82 15.71
C LEU A 206 -3.46 -8.38 15.00
N GLY A 207 -3.31 -8.64 13.70
CA GLY A 207 -4.28 -9.39 12.89
C GLY A 207 -5.58 -8.65 12.70
N PHE A 208 -5.56 -7.31 12.60
CA PHE A 208 -6.82 -6.54 12.47
C PHE A 208 -7.05 -6.14 11.02
N TYR A 209 -8.31 -5.92 10.69
CA TYR A 209 -8.77 -5.48 9.34
C TYR A 209 -10.06 -4.72 9.51
N PRO A 210 -10.23 -3.50 8.94
CA PRO A 210 -9.22 -2.87 8.07
C PRO A 210 -8.09 -2.15 8.84
N ALA A 211 -7.22 -1.42 8.14
CA ALA A 211 -5.95 -0.89 8.70
C ALA A 211 -6.21 0.24 9.69
N GLU A 212 -7.31 1.00 9.54
CA GLU A 212 -7.60 2.13 10.46
C GLU A 212 -7.67 1.61 11.90
N ILE A 213 -6.93 2.24 12.81
CA ILE A 213 -6.90 1.88 14.25
C ILE A 213 -6.38 3.09 15.03
N THR A 214 -6.71 3.17 16.31
CA THR A 214 -6.13 4.16 17.24
C THR A 214 -5.63 3.42 18.47
N LEU A 215 -4.34 3.61 18.78
CA LEU A 215 -3.70 3.11 20.02
C LEU A 215 -3.21 4.30 20.79
N THR A 216 -3.57 4.37 22.06
N THR A 216 -3.55 4.42 22.08
CA THR A 216 -3.13 5.45 22.95
CA THR A 216 -3.14 5.58 22.92
C THR A 216 -2.69 4.82 24.26
C THR A 216 -2.88 5.11 24.35
N TRP A 217 -1.69 5.41 24.88
CA TRP A 217 -1.34 5.12 26.28
C TRP A 217 -1.91 6.25 27.12
N GLN A 218 -2.53 5.88 28.23
CA GLN A 218 -3.04 6.83 29.24
C GLN A 218 -2.30 6.60 30.56
N ARG A 219 -2.06 7.68 31.30
CA ARG A 219 -1.59 7.64 32.70
C ARG A 219 -2.72 8.21 33.53
N ASP A 220 -3.25 7.41 34.46
CA ASP A 220 -4.45 7.80 35.24
C ASP A 220 -5.51 8.34 34.29
N GLY A 221 -5.75 7.67 33.16
CA GLY A 221 -6.82 8.02 32.21
C GLY A 221 -6.57 9.30 31.41
N GLU A 222 -5.36 9.87 31.43
CA GLU A 222 -5.00 11.04 30.58
C GLU A 222 -4.03 10.60 29.47
N ASP A 223 -4.34 10.94 28.21
CA ASP A 223 -3.53 10.61 27.02
C ASP A 223 -2.09 11.08 27.24
N GLN A 224 -1.10 10.23 26.91
CA GLN A 224 0.35 10.50 27.03
C GLN A 224 0.93 10.75 25.65
N THR A 225 0.31 11.67 24.91
CA THR A 225 0.57 11.94 23.46
C THR A 225 2.06 12.19 23.25
N GLN A 226 2.63 13.17 23.96
CA GLN A 226 4.04 13.62 23.76
C GLN A 226 5.05 12.53 24.17
N ASP A 227 4.66 11.45 24.88
CA ASP A 227 5.62 10.45 25.43
C ASP A 227 5.46 9.05 24.80
N THR A 228 4.56 8.88 23.83
CA THR A 228 4.26 7.57 23.19
C THR A 228 5.07 7.42 21.90
N GLU A 229 5.78 6.29 21.77
CA GLU A 229 6.40 5.87 20.48
C GLU A 229 5.33 5.02 19.79
N LEU A 230 4.93 5.42 18.59
CA LEU A 230 3.86 4.77 17.81
C LEU A 230 4.49 4.37 16.49
N VAL A 231 4.42 3.10 16.11
CA VAL A 231 4.95 2.69 14.78
C VAL A 231 3.84 2.85 13.76
N GLU A 232 4.22 3.08 12.52
CA GLU A 232 3.27 3.13 11.39
C GLU A 232 2.60 1.77 11.28
N THR A 233 1.29 1.77 11.01
CA THR A 233 0.53 0.53 10.75
C THR A 233 1.21 -0.23 9.62
N ARG A 234 1.34 -1.55 9.76
CA ARG A 234 2.14 -2.37 8.84
C ARG A 234 1.39 -3.66 8.52
N PRO A 235 1.55 -4.18 7.30
CA PRO A 235 0.89 -5.41 6.89
C PRO A 235 1.54 -6.65 7.53
N ALA A 236 0.69 -7.58 7.98
CA ALA A 236 1.19 -8.86 8.53
C ALA A 236 1.61 -9.79 7.38
N GLY A 237 1.07 -9.55 6.18
CA GLY A 237 1.31 -10.36 4.96
C GLY A 237 0.19 -11.37 4.70
N ASP A 238 -0.79 -11.44 5.58
CA ASP A 238 -1.92 -12.38 5.42
C ASP A 238 -3.22 -11.59 5.23
N ARG A 239 -3.13 -10.34 4.80
CA ARG A 239 -4.20 -9.33 4.52
C ARG A 239 -4.60 -8.58 5.79
N THR A 240 -4.01 -8.91 6.94
CA THR A 240 -4.32 -8.19 8.19
C THR A 240 -3.18 -7.23 8.52
N PHE A 241 -3.39 -6.38 9.51
CA PHE A 241 -2.39 -5.36 9.86
C PHE A 241 -1.95 -5.50 11.32
N GLN A 242 -0.87 -4.80 11.63
CA GLN A 242 -0.26 -4.74 12.96
C GLN A 242 0.03 -3.29 13.31
N LYS A 243 0.02 -2.99 14.59
CA LYS A 243 0.52 -1.69 15.11
C LYS A 243 0.92 -1.89 16.56
N TRP A 244 1.86 -1.09 17.03
CA TRP A 244 2.13 -1.02 18.48
C TRP A 244 2.43 0.42 18.89
N ALA A 245 2.22 0.67 20.17
CA ALA A 245 2.48 1.93 20.86
C ALA A 245 3.27 1.61 22.12
N ALA A 246 4.30 2.40 22.43
CA ALA A 246 5.15 2.14 23.61
C ALA A 246 5.34 3.41 24.42
N VAL A 247 5.46 3.23 25.73
CA VAL A 247 5.73 4.33 26.69
C VAL A 247 6.79 3.84 27.67
N VAL A 248 7.72 4.73 28.01
CA VAL A 248 8.74 4.42 29.04
C VAL A 248 8.21 5.00 30.33
N VAL A 249 8.22 4.18 31.37
CA VAL A 249 7.58 4.51 32.68
C VAL A 249 8.57 4.21 33.79
N PRO A 250 8.38 4.82 34.97
CA PRO A 250 9.17 4.49 36.15
C PRO A 250 8.82 3.07 36.63
N SER A 251 9.85 2.31 36.93
CA SER A 251 9.70 0.96 37.51
C SER A 251 8.86 1.05 38.78
N GLY A 252 7.84 0.20 38.89
CA GLY A 252 6.89 0.19 40.00
C GLY A 252 5.68 1.10 39.81
N GLU A 253 5.63 1.88 38.72
CA GLU A 253 4.46 2.76 38.40
C GLU A 253 3.64 2.22 37.21
N GLU A 254 3.95 1.03 36.71
CA GLU A 254 3.28 0.41 35.53
C GLU A 254 1.76 0.43 35.71
N GLN A 255 1.27 0.23 36.93
CA GLN A 255 -0.18 0.05 37.21
C GLN A 255 -0.94 1.34 36.88
N ARG A 256 -0.28 2.49 36.76
CA ARG A 256 -0.97 3.77 36.43
C ARG A 256 -1.26 3.87 34.93
N TYR A 257 -0.76 2.95 34.10
CA TYR A 257 -0.78 3.08 32.63
C TYR A 257 -1.79 2.11 32.04
N THR A 258 -2.61 2.61 31.13
CA THR A 258 -3.58 1.80 30.37
C THR A 258 -3.41 2.10 28.90
N CYS A 259 -3.57 1.09 28.08
CA CYS A 259 -3.55 1.21 26.62
C CYS A 259 -4.99 1.17 26.13
N HIS A 260 -5.33 2.09 25.25
CA HIS A 260 -6.71 2.23 24.73
C HIS A 260 -6.71 1.91 23.25
N VAL A 261 -7.56 0.99 22.82
CA VAL A 261 -7.62 0.50 21.43
C VAL A 261 -8.99 0.80 20.86
N GLN A 262 -9.02 1.53 19.74
CA GLN A 262 -10.25 1.81 18.98
C GLN A 262 -10.10 1.16 17.60
N HIS A 263 -10.98 0.22 17.27
CA HIS A 263 -11.02 -0.43 15.94
C HIS A 263 -12.48 -0.78 15.62
N GLU A 264 -12.88 -0.66 14.36
CA GLU A 264 -14.25 -0.92 13.87
C GLU A 264 -14.69 -2.35 14.23
N GLY A 265 -13.74 -3.29 14.31
CA GLY A 265 -14.01 -4.70 14.61
C GLY A 265 -14.31 -4.99 16.08
N LEU A 266 -13.99 -4.08 16.99
CA LEU A 266 -14.19 -4.26 18.45
C LEU A 266 -15.63 -3.92 18.80
N PRO A 267 -16.30 -4.75 19.63
CA PRO A 267 -17.63 -4.42 20.14
C PRO A 267 -17.62 -3.06 20.83
N LYS A 268 -16.57 -2.78 21.61
CA LYS A 268 -16.37 -1.46 22.25
C LYS A 268 -14.87 -1.24 22.39
N PRO A 269 -14.45 0.03 22.54
CA PRO A 269 -13.05 0.36 22.78
C PRO A 269 -12.49 -0.49 23.94
N LEU A 270 -11.25 -0.95 23.79
CA LEU A 270 -10.55 -1.85 24.77
C LEU A 270 -9.67 -0.97 25.65
N THR A 271 -9.62 -1.30 26.92
CA THR A 271 -8.62 -0.79 27.87
C THR A 271 -7.77 -1.97 28.30
N LEU A 272 -6.48 -1.89 28.03
CA LEU A 272 -5.51 -2.96 28.37
C LEU A 272 -4.51 -2.44 29.38
N ARG A 273 -4.04 -3.37 30.16
CA ARG A 273 -2.88 -3.15 31.09
CA ARG A 273 -2.96 -3.17 31.19
C ARG A 273 -1.84 -4.30 31.13
N TRP A 274 -0.76 -4.03 31.83
CA TRP A 274 0.27 -5.08 31.88
C TRP A 274 -0.29 -6.14 32.83
N GLU A 275 -0.58 -7.32 32.31
CA GLU A 275 -1.17 -8.41 33.12
C GLU A 275 -1.01 -9.74 32.39
N MET B 1 13.95 16.40 -9.36
CA MET B 1 12.83 15.38 -9.39
C MET B 1 12.58 14.86 -7.97
N ILE B 2 11.33 14.46 -7.64
CA ILE B 2 10.97 13.98 -6.27
C ILE B 2 11.80 12.75 -5.94
N GLN B 3 12.50 12.77 -4.82
CA GLN B 3 13.13 11.58 -4.20
C GLN B 3 12.72 11.56 -2.74
N ARG B 4 12.14 10.44 -2.29
N ARG B 4 12.05 10.49 -2.29
CA ARG B 4 11.65 10.23 -0.91
CA ARG B 4 11.68 10.30 -0.88
C ARG B 4 12.36 9.02 -0.31
C ARG B 4 12.37 9.07 -0.33
N THR B 5 12.94 9.20 0.87
CA THR B 5 13.72 8.14 1.56
C THR B 5 12.77 7.09 2.11
N PRO B 6 13.03 5.78 1.91
CA PRO B 6 12.16 4.76 2.47
C PRO B 6 12.18 4.69 4.00
N LYS B 7 11.00 4.44 4.57
CA LYS B 7 10.80 3.96 5.95
C LYS B 7 10.95 2.46 5.93
N ILE B 8 11.51 1.89 6.98
CA ILE B 8 11.71 0.44 7.06
C ILE B 8 11.21 -0.05 8.41
N GLN B 9 10.45 -1.13 8.39
CA GLN B 9 10.13 -1.92 9.60
C GLN B 9 10.40 -3.39 9.31
N VAL B 10 11.05 -4.07 10.25
CA VAL B 10 11.36 -5.50 10.18
C VAL B 10 10.65 -6.16 11.36
N TYR B 11 9.94 -7.24 11.11
CA TYR B 11 9.05 -7.83 12.14
C TYR B 11 8.58 -9.20 11.67
N SER B 12 8.01 -9.98 12.58
CA SER B 12 7.44 -11.30 12.25
C SER B 12 5.93 -11.14 12.06
N ARG B 13 5.33 -12.01 11.24
CA ARG B 13 3.86 -12.07 11.02
C ARG B 13 3.16 -12.42 12.35
N HIS B 14 3.66 -13.42 13.08
CA HIS B 14 3.13 -13.85 14.40
C HIS B 14 4.18 -13.59 15.48
N PRO B 15 3.77 -13.43 16.76
CA PRO B 15 4.74 -13.32 17.85
C PRO B 15 5.72 -14.49 17.75
N ALA B 16 7.02 -14.21 17.85
CA ALA B 16 8.08 -15.22 17.64
C ALA B 16 8.03 -16.24 18.78
N GLU B 17 8.20 -17.50 18.44
CA GLU B 17 8.30 -18.64 19.36
C GLU B 17 9.42 -19.51 18.77
N ASN B 18 10.53 -19.67 19.46
CA ASN B 18 11.67 -20.48 18.93
C ASN B 18 11.10 -21.83 18.51
N GLY B 19 11.50 -22.32 17.34
CA GLY B 19 11.14 -23.65 16.81
C GLY B 19 9.79 -23.68 16.08
N LYS B 20 9.05 -22.57 16.03
CA LYS B 20 7.71 -22.53 15.37
C LYS B 20 7.80 -21.73 14.06
N SER B 21 7.34 -22.32 12.96
CA SER B 21 7.29 -21.71 11.60
C SER B 21 6.59 -20.34 11.68
N ASN B 22 7.15 -19.33 10.99
CA ASN B 22 6.64 -17.93 11.03
C ASN B 22 6.95 -17.31 9.66
N PHE B 23 6.67 -16.02 9.51
CA PHE B 23 7.11 -15.20 8.35
C PHE B 23 7.91 -14.01 8.87
N LEU B 24 9.06 -13.78 8.23
CA LEU B 24 9.89 -12.59 8.47
C LEU B 24 9.51 -11.57 7.39
N ASN B 25 9.14 -10.39 7.85
CA ASN B 25 8.63 -9.28 7.02
C ASN B 25 9.64 -8.13 7.06
N CYS B 26 9.84 -7.50 5.91
CA CYS B 26 10.53 -6.19 5.82
C CYS B 26 9.61 -5.29 5.01
N TYR B 27 9.01 -4.30 5.67
CA TYR B 27 8.02 -3.38 5.05
C TYR B 27 8.75 -2.09 4.72
N VAL B 28 8.84 -1.75 3.44
CA VAL B 28 9.50 -0.50 2.97
CA VAL B 28 9.50 -0.50 2.98
C VAL B 28 8.40 0.39 2.41
N SER B 29 8.36 1.64 2.82
CA SER B 29 7.23 2.53 2.49
C SER B 29 7.72 3.97 2.40
N GLY B 30 6.89 4.82 1.81
CA GLY B 30 7.11 6.27 1.77
C GLY B 30 8.21 6.64 0.79
N PHE B 31 8.58 5.78 -0.17
CA PHE B 31 9.74 6.04 -1.05
C PHE B 31 9.31 6.43 -2.46
N HIS B 32 10.24 7.09 -3.15
CA HIS B 32 10.10 7.54 -4.55
C HIS B 32 11.51 7.86 -5.03
N PRO B 33 11.97 7.43 -6.23
CA PRO B 33 11.20 6.56 -7.13
C PRO B 33 11.08 5.10 -6.66
N SER B 34 10.47 4.24 -7.48
CA SER B 34 10.07 2.88 -7.08
C SER B 34 11.25 1.91 -7.13
N ASP B 35 12.29 2.26 -7.89
CA ASP B 35 13.52 1.43 -7.99
C ASP B 35 14.13 1.24 -6.60
N ILE B 36 14.20 0.01 -6.11
CA ILE B 36 14.67 -0.25 -4.72
C ILE B 36 15.19 -1.68 -4.67
N GLU B 37 16.17 -1.90 -3.80
CA GLU B 37 16.74 -3.24 -3.58
C GLU B 37 16.53 -3.57 -2.10
N VAL B 38 15.89 -4.69 -1.82
CA VAL B 38 15.60 -5.16 -0.44
C VAL B 38 16.06 -6.61 -0.35
N ASP B 39 16.96 -6.90 0.58
CA ASP B 39 17.38 -8.28 0.87
C ASP B 39 17.02 -8.58 2.33
N LEU B 40 16.54 -9.80 2.59
CA LEU B 40 16.48 -10.34 3.97
C LEU B 40 17.78 -11.10 4.22
N LEU B 41 18.35 -10.92 5.40
CA LEU B 41 19.65 -11.54 5.77
C LEU B 41 19.43 -12.45 6.95
N LYS B 42 20.06 -13.63 6.90
CA LYS B 42 20.12 -14.58 8.04
C LYS B 42 21.59 -14.72 8.39
N ASN B 43 21.97 -14.24 9.58
CA ASN B 43 23.37 -14.22 10.07
C ASN B 43 24.24 -13.52 9.04
N GLY B 44 23.76 -12.43 8.45
CA GLY B 44 24.57 -11.59 7.55
C GLY B 44 24.54 -12.07 6.11
N GLU B 45 23.93 -13.21 5.81
CA GLU B 45 23.95 -13.80 4.43
C GLU B 45 22.59 -13.60 3.78
N ARG B 46 22.58 -13.34 2.47
CA ARG B 46 21.33 -13.11 1.71
C ARG B 46 20.45 -14.37 1.73
N ILE B 47 19.17 -14.22 2.11
CA ILE B 47 18.17 -15.32 2.03
C ILE B 47 17.68 -15.38 0.59
N GLU B 48 17.64 -16.58 0.01
N GLU B 48 17.61 -16.59 0.02
CA GLU B 48 17.41 -16.79 -1.45
CA GLU B 48 17.17 -16.81 -1.39
C GLU B 48 15.91 -16.78 -1.73
C GLU B 48 15.65 -17.00 -1.40
N LYS B 49 15.12 -17.50 -0.92
N LYS B 49 15.02 -16.83 -2.56
CA LYS B 49 13.65 -17.62 -1.08
CA LYS B 49 13.59 -17.13 -2.81
C LYS B 49 13.00 -16.41 -0.40
C LYS B 49 12.72 -16.21 -1.94
N VAL B 50 13.04 -15.25 -1.07
N VAL B 50 13.23 -15.04 -1.53
CA VAL B 50 12.34 -14.00 -0.61
CA VAL B 50 12.42 -14.03 -0.79
C VAL B 50 11.36 -13.55 -1.70
C VAL B 50 11.35 -13.50 -1.76
N GLU B 51 10.10 -13.38 -1.30
CA GLU B 51 8.99 -12.89 -2.16
C GLU B 51 8.67 -11.45 -1.76
N HIS B 52 7.96 -10.73 -2.62
CA HIS B 52 7.47 -9.38 -2.29
C HIS B 52 6.05 -9.19 -2.83
N SER B 53 5.35 -8.29 -2.18
CA SER B 53 4.03 -7.78 -2.61
C SER B 53 4.17 -7.05 -3.95
N ASP B 54 3.05 -6.87 -4.62
CA ASP B 54 2.95 -6.14 -5.90
C ASP B 54 3.10 -4.65 -5.60
N LEU B 55 3.87 -3.95 -6.42
CA LEU B 55 4.12 -2.50 -6.25
C LEU B 55 2.81 -1.74 -6.14
N SER B 56 2.59 -1.04 -5.02
N SER B 56 2.68 -0.99 -5.06
CA SER B 56 1.44 -0.13 -4.82
CA SER B 56 1.49 -0.21 -4.64
C SER B 56 1.95 1.14 -4.19
C SER B 56 1.97 1.15 -4.18
N PHE B 57 1.05 2.08 -3.94
CA PHE B 57 1.42 3.40 -3.41
C PHE B 57 0.27 4.00 -2.63
N SER B 58 0.66 4.94 -1.79
CA SER B 58 -0.20 5.68 -0.84
C SER B 58 -0.81 6.89 -1.54
N LYS B 59 -1.74 7.56 -0.88
CA LYS B 59 -2.44 8.70 -1.51
C LYS B 59 -1.47 9.86 -1.82
N ASP B 60 -0.28 9.93 -1.19
CA ASP B 60 0.75 10.94 -1.51
C ASP B 60 1.70 10.46 -2.63
N TRP B 61 1.36 9.35 -3.28
CA TRP B 61 2.07 8.75 -4.45
C TRP B 61 3.33 8.00 -4.01
N SER B 62 3.65 7.96 -2.73
CA SER B 62 4.86 7.25 -2.24
C SER B 62 4.60 5.74 -2.31
N PHE B 63 5.62 5.00 -2.70
CA PHE B 63 5.51 3.54 -2.91
C PHE B 63 5.64 2.78 -1.60
N TYR B 64 5.08 1.57 -1.57
CA TYR B 64 5.32 0.62 -0.45
C TYR B 64 5.39 -0.79 -1.02
N LEU B 65 6.23 -1.61 -0.37
CA LEU B 65 6.41 -3.04 -0.69
C LEU B 65 6.63 -3.80 0.61
N LEU B 66 6.11 -5.01 0.67
CA LEU B 66 6.39 -5.98 1.75
C LEU B 66 7.26 -7.06 1.15
N TYR B 67 8.45 -7.25 1.70
CA TYR B 67 9.33 -8.40 1.41
C TYR B 67 9.17 -9.38 2.55
N TYR B 68 9.11 -10.68 2.23
CA TYR B 68 8.81 -11.68 3.27
C TYR B 68 9.40 -13.05 2.88
N THR B 69 9.67 -13.83 3.91
CA THR B 69 10.09 -15.24 3.78
C THR B 69 9.56 -16.05 4.97
N GLU B 70 9.23 -17.30 4.73
CA GLU B 70 8.92 -18.30 5.78
C GLU B 70 10.23 -18.55 6.53
N PHE B 71 10.19 -18.55 7.85
CA PHE B 71 11.36 -18.84 8.71
C PHE B 71 10.89 -19.44 10.03
N THR B 72 11.81 -20.17 10.67
CA THR B 72 11.64 -20.69 12.04
CA THR B 72 11.65 -20.72 12.03
C THR B 72 12.66 -20.01 12.93
N PRO B 73 12.23 -19.01 13.75
CA PRO B 73 13.15 -18.29 14.61
C PRO B 73 13.79 -19.26 15.61
N THR B 74 15.02 -18.96 16.03
CA THR B 74 15.78 -19.65 17.09
C THR B 74 16.34 -18.62 18.04
N GLU B 75 16.99 -19.07 19.10
CA GLU B 75 17.69 -18.18 20.05
C GLU B 75 18.81 -17.42 19.34
N LYS B 76 19.59 -18.10 18.50
CA LYS B 76 20.92 -17.60 18.06
C LYS B 76 20.86 -16.91 16.69
N ASP B 77 19.94 -17.33 15.83
CA ASP B 77 19.89 -16.85 14.42
C ASP B 77 19.52 -15.36 14.42
N GLU B 78 20.32 -14.55 13.75
CA GLU B 78 20.12 -13.09 13.63
C GLU B 78 19.54 -12.79 12.25
N TYR B 79 18.49 -11.96 12.21
CA TYR B 79 17.80 -11.61 10.95
C TYR B 79 17.85 -10.10 10.80
N ALA B 80 17.91 -9.66 9.55
CA ALA B 80 17.94 -8.23 9.22
C ALA B 80 17.36 -8.01 7.83
N CYS B 81 17.05 -6.76 7.58
CA CYS B 81 16.62 -6.28 6.26
C CYS B 81 17.65 -5.27 5.79
N ARG B 82 18.12 -5.40 4.55
CA ARG B 82 19.08 -4.46 3.92
C ARG B 82 18.41 -3.79 2.72
N VAL B 83 18.43 -2.47 2.71
CA VAL B 83 17.73 -1.66 1.69
C VAL B 83 18.72 -0.72 1.02
N ASN B 84 18.69 -0.71 -0.30
CA ASN B 84 19.42 0.26 -1.16
C ASN B 84 18.38 1.04 -1.97
N HIS B 85 18.56 2.36 -2.00
CA HIS B 85 17.69 3.29 -2.75
C HIS B 85 18.54 4.50 -3.11
N VAL B 86 18.16 5.25 -4.13
CA VAL B 86 18.95 6.41 -4.61
C VAL B 86 19.11 7.42 -3.46
N THR B 87 18.16 7.48 -2.52
CA THR B 87 18.16 8.46 -1.42
C THR B 87 19.14 8.04 -0.31
N LEU B 88 19.64 6.82 -0.30
CA LEU B 88 20.50 6.32 0.80
C LEU B 88 21.96 6.35 0.33
N SER B 89 22.85 6.99 1.05
CA SER B 89 24.28 7.12 0.62
C SER B 89 25.00 5.81 0.94
N GLN B 90 24.43 4.98 1.82
CA GLN B 90 24.88 3.59 2.03
C GLN B 90 23.65 2.72 2.30
N PRO B 91 23.79 1.38 2.23
CA PRO B 91 22.68 0.48 2.48
C PRO B 91 22.20 0.67 3.92
N LYS B 92 20.90 0.59 4.12
CA LYS B 92 20.34 0.74 5.44
C LYS B 92 20.02 -0.66 5.91
N ILE B 93 20.56 -1.00 7.07
CA ILE B 93 20.38 -2.37 7.62
C ILE B 93 19.60 -2.22 8.92
N VAL B 94 18.45 -2.87 9.00
CA VAL B 94 17.57 -2.86 10.20
C VAL B 94 17.50 -4.28 10.72
N LYS B 95 17.90 -4.48 11.96
CA LYS B 95 17.93 -5.82 12.57
C LYS B 95 16.52 -6.17 13.05
N TRP B 96 16.15 -7.43 12.90
CA TRP B 96 14.93 -7.98 13.51
C TRP B 96 15.08 -8.03 15.03
N ASP B 97 14.10 -7.47 15.72
CA ASP B 97 13.96 -7.58 17.20
C ASP B 97 12.58 -8.19 17.45
N ARG B 98 12.54 -9.39 18.01
CA ARG B 98 11.26 -10.12 18.20
C ARG B 98 10.27 -9.32 19.07
N ASP B 99 10.75 -8.33 19.84
CA ASP B 99 9.93 -7.49 20.75
C ASP B 99 9.46 -6.20 20.05
N MET B 100 9.68 -6.07 18.74
CA MET B 100 9.22 -4.87 18.00
C MET B 100 8.66 -5.28 16.63
N GLU C 1 -13.63 -4.09 -11.87
CA GLU C 1 -12.94 -4.24 -13.17
C GLU C 1 -12.34 -2.90 -13.57
N PRO C 2 -11.19 -2.91 -14.26
CA PRO C 2 -10.52 -1.67 -14.64
C PRO C 2 -11.26 -0.93 -15.76
N ARG C 3 -10.97 0.37 -15.85
CA ARG C 3 -11.48 1.26 -16.91
C ARG C 3 -10.78 0.97 -18.24
N SER C 4 -11.51 1.04 -19.34
CA SER C 4 -10.92 0.89 -20.64
C SER C 4 -9.99 2.05 -20.85
N PRO C 5 -8.84 1.79 -21.57
CA PRO C 5 -7.96 2.94 -21.73
C PRO C 5 -8.49 3.92 -22.71
N SER C 6 -8.14 5.17 -22.57
CA SER C 6 -8.54 6.16 -23.54
C SER C 6 -7.28 6.91 -23.98
N HIS C 7 -7.42 8.18 -24.29
CA HIS C 7 -6.33 8.95 -24.80
C HIS C 7 -5.07 9.15 -23.94
N SER C 8 -3.96 9.16 -24.63
CA SER C 8 -2.64 9.47 -24.04
C SER C 8 -2.68 10.91 -23.56
N MET C 9 -1.74 11.25 -22.68
CA MET C 9 -1.56 12.62 -22.16
C MET C 9 -0.90 13.51 -23.22
#